data_1YMP
#
_entry.id   1YMP
#
_cell.length_a   75.789
_cell.length_b   75.789
_cell.length_c   45.850
_cell.angle_alpha   90.00
_cell.angle_beta   90.00
_cell.angle_gamma   120.00
#
_symmetry.space_group_name_H-M   'P 31'
#
loop_
_entity.id
_entity.type
_entity.pdbx_description
1 polymer 'Notch 1 protein'
2 water water
#
_entity_poly.entity_id   1
_entity_poly.type   'polypeptide(L)'
_entity_poly.pdbx_seq_one_letter_code
;LRNRATDLDARMHDGTTPLILAARLALEGMLEDLINSHADVNAVDDLGKSALHWAAAVNNVDAAVVLLKNGANKDMQNNK
EETPLFLAAREGSYETAKVLLDHFANRDITDHMDRLPRDIAQERMHHDIVRLLDE
;
_entity_poly.pdbx_strand_id   A,B
#
# COMPACT_ATOMS: atom_id res chain seq x y z
N ARG A 4 -5.82 14.95 -5.92
CA ARG A 4 -4.46 14.96 -5.29
C ARG A 4 -4.18 13.60 -4.64
N ALA A 5 -4.80 12.56 -5.19
CA ALA A 5 -4.65 11.18 -4.74
C ALA A 5 -3.42 10.54 -5.37
N THR A 6 -2.78 11.24 -6.30
CA THR A 6 -1.56 10.73 -6.93
C THR A 6 -0.47 11.21 -6.02
N ASP A 7 -0.87 12.05 -5.05
CA ASP A 7 0.01 12.61 -4.02
C ASP A 7 0.43 11.44 -3.12
N LEU A 8 -0.26 10.30 -3.32
CA LEU A 8 0.01 9.04 -2.62
C LEU A 8 1.28 8.37 -3.22
N ASP A 9 2.13 9.19 -3.85
CA ASP A 9 3.45 8.75 -4.36
C ASP A 9 4.21 9.24 -3.14
N ALA A 10 3.48 9.13 -2.02
CA ALA A 10 3.91 9.46 -0.69
C ALA A 10 4.94 8.43 -0.38
N ARG A 11 5.96 8.83 0.35
CA ARG A 11 7.03 7.92 0.67
C ARG A 11 7.27 7.76 2.16
N MET A 12 8.20 6.85 2.48
CA MET A 12 8.59 6.62 3.86
C MET A 12 9.76 7.56 4.03
N HIS A 13 10.30 7.62 5.24
CA HIS A 13 11.43 8.51 5.48
C HIS A 13 12.57 8.13 4.55
N ASP A 14 12.72 6.82 4.34
CA ASP A 14 13.78 6.30 3.47
C ASP A 14 13.38 6.19 2.00
N GLY A 15 12.31 6.88 1.60
CA GLY A 15 11.90 6.85 0.20
C GLY A 15 11.06 5.69 -0.31
N THR A 16 10.75 4.74 0.54
CA THR A 16 9.96 3.58 0.12
C THR A 16 8.57 4.06 -0.27
N THR A 17 7.99 3.41 -1.27
CA THR A 17 6.65 3.77 -1.66
C THR A 17 5.84 2.51 -1.57
N PRO A 18 4.51 2.63 -1.67
CA PRO A 18 3.53 1.55 -1.63
C PRO A 18 3.78 0.42 -2.62
N LEU A 19 4.19 0.81 -3.81
CA LEU A 19 4.43 -0.14 -4.88
C LEU A 19 5.55 -1.04 -4.42
N ILE A 20 6.66 -0.43 -4.06
CA ILE A 20 7.85 -1.13 -3.61
C ILE A 20 7.57 -2.02 -2.42
N LEU A 21 6.69 -1.56 -1.54
CA LEU A 21 6.35 -2.39 -0.39
C LEU A 21 5.73 -3.62 -0.98
N ALA A 22 4.75 -3.39 -1.84
CA ALA A 22 4.00 -4.46 -2.52
C ALA A 22 4.93 -5.44 -3.20
N ALA A 23 5.89 -4.90 -3.93
CA ALA A 23 6.86 -5.74 -4.62
C ALA A 23 7.58 -6.51 -3.52
N ARG A 24 8.46 -5.80 -2.86
CA ARG A 24 9.25 -6.30 -1.76
C ARG A 24 8.47 -7.29 -0.88
N LEU A 25 7.23 -6.99 -0.54
CA LEU A 25 6.44 -7.87 0.33
C LEU A 25 5.60 -8.87 -0.46
N ALA A 26 5.68 -8.79 -1.78
CA ALA A 26 4.92 -9.69 -2.62
C ALA A 26 3.46 -9.75 -2.20
N LEU A 27 2.81 -8.60 -2.18
CA LEU A 27 1.40 -8.51 -1.83
C LEU A 27 0.61 -8.43 -3.13
N GLU A 28 0.05 -9.60 -3.47
CA GLU A 28 -0.73 -9.88 -4.67
C GLU A 28 -1.49 -8.81 -5.44
N GLY A 29 -2.37 -8.04 -4.79
CA GLY A 29 -3.14 -7.05 -5.52
C GLY A 29 -2.62 -5.65 -5.70
N MET A 30 -2.18 -5.07 -4.59
CA MET A 30 -1.69 -3.70 -4.62
C MET A 30 -0.78 -3.33 -5.76
N LEU A 31 -0.11 -4.30 -6.36
CA LEU A 31 0.73 -3.96 -7.49
C LEU A 31 -0.17 -3.50 -8.61
N GLU A 32 -1.17 -4.30 -8.97
CA GLU A 32 -2.02 -3.86 -10.04
C GLU A 32 -2.82 -2.67 -9.53
N ASP A 33 -3.29 -2.73 -8.30
CA ASP A 33 -4.03 -1.59 -7.80
C ASP A 33 -3.23 -0.34 -8.03
N LEU A 34 -2.02 -0.34 -7.48
CA LEU A 34 -1.13 0.82 -7.60
C LEU A 34 -0.79 1.14 -9.04
N ILE A 35 -0.51 0.12 -9.83
CA ILE A 35 -0.20 0.35 -11.23
C ILE A 35 -1.49 0.76 -11.96
N ASN A 36 -2.59 0.10 -11.64
CA ASN A 36 -3.86 0.41 -12.29
C ASN A 36 -4.43 1.73 -11.86
N SER A 37 -3.83 2.30 -10.84
CA SER A 37 -4.23 3.60 -10.34
C SER A 37 -3.21 4.61 -10.89
N HIS A 38 -2.34 4.14 -11.78
CA HIS A 38 -1.31 4.97 -12.40
C HIS A 38 -0.17 5.38 -11.44
N ALA A 39 0.18 4.49 -10.52
CA ALA A 39 1.26 4.80 -9.59
C ALA A 39 2.57 4.88 -10.39
N ASP A 40 3.39 5.90 -10.12
CA ASP A 40 4.66 6.00 -10.82
C ASP A 40 5.33 4.65 -10.71
N VAL A 41 5.43 3.96 -11.84
CA VAL A 41 6.00 2.64 -11.82
C VAL A 41 7.52 2.67 -11.79
N ASN A 42 8.12 3.85 -11.95
CA ASN A 42 9.57 3.93 -11.89
C ASN A 42 10.02 4.74 -10.69
N ALA A 43 9.17 4.78 -9.66
CA ALA A 43 9.47 5.51 -8.43
C ALA A 43 10.61 4.78 -7.73
N VAL A 44 11.45 5.52 -7.05
CA VAL A 44 12.60 4.92 -6.44
C VAL A 44 12.78 5.28 -4.98
N ASP A 45 13.28 4.36 -4.18
CA ASP A 45 13.54 4.70 -2.79
C ASP A 45 14.86 5.46 -2.73
N ASP A 46 15.16 6.01 -1.56
CA ASP A 46 16.37 6.78 -1.37
C ASP A 46 17.64 6.13 -1.91
N LEU A 47 17.63 4.80 -1.99
CA LEU A 47 18.78 4.03 -2.45
C LEU A 47 18.83 3.91 -3.97
N GLY A 48 17.82 4.40 -4.64
CA GLY A 48 17.84 4.29 -6.08
C GLY A 48 17.27 2.96 -6.54
N LYS A 49 16.41 2.36 -5.71
CA LYS A 49 15.79 1.08 -6.05
C LYS A 49 14.34 1.20 -6.52
N SER A 50 14.02 0.54 -7.64
CA SER A 50 12.65 0.54 -8.17
C SER A 50 11.90 -0.70 -7.68
N ALA A 51 10.59 -0.73 -7.88
CA ALA A 51 9.80 -1.87 -7.45
C ALA A 51 10.42 -3.09 -8.06
N LEU A 52 10.65 -3.01 -9.36
CA LEU A 52 11.25 -4.10 -10.09
C LEU A 52 12.55 -4.60 -9.45
N HIS A 53 13.38 -3.68 -8.97
CA HIS A 53 14.62 -4.11 -8.32
C HIS A 53 14.15 -4.95 -7.17
N TRP A 54 13.50 -4.27 -6.24
CA TRP A 54 13.01 -4.90 -5.05
C TRP A 54 12.27 -6.17 -5.27
N ALA A 55 11.54 -6.27 -6.37
CA ALA A 55 10.82 -7.51 -6.66
C ALA A 55 11.85 -8.59 -7.01
N ALA A 56 12.91 -8.17 -7.70
CA ALA A 56 13.96 -9.08 -8.12
C ALA A 56 14.62 -9.58 -6.87
N ALA A 57 15.21 -8.66 -6.13
CA ALA A 57 15.90 -9.00 -4.90
C ALA A 57 15.16 -10.15 -4.23
N VAL A 58 13.88 -9.96 -3.94
CA VAL A 58 13.06 -10.99 -3.27
C VAL A 58 12.47 -12.07 -4.17
N ASN A 59 12.67 -11.98 -5.49
CA ASN A 59 12.17 -13.01 -6.41
C ASN A 59 10.65 -13.12 -6.46
N ASN A 60 9.96 -11.99 -6.58
CA ASN A 60 8.50 -11.96 -6.66
C ASN A 60 8.09 -11.97 -8.11
N VAL A 61 8.54 -12.99 -8.83
CA VAL A 61 8.26 -13.19 -10.25
C VAL A 61 6.95 -12.53 -10.71
N ASP A 62 5.84 -12.90 -10.08
CA ASP A 62 4.56 -12.31 -10.45
C ASP A 62 4.76 -10.82 -10.62
N ALA A 63 5.11 -10.16 -9.51
CA ALA A 63 5.34 -8.72 -9.53
C ALA A 63 6.28 -8.37 -10.67
N ALA A 64 7.46 -8.99 -10.69
CA ALA A 64 8.42 -8.70 -11.74
C ALA A 64 7.72 -8.74 -13.07
N VAL A 65 6.81 -9.68 -13.21
CA VAL A 65 6.07 -9.87 -14.44
C VAL A 65 5.23 -8.65 -14.82
N VAL A 66 4.28 -8.33 -13.97
CA VAL A 66 3.37 -7.20 -14.17
C VAL A 66 4.09 -5.85 -14.27
N LEU A 67 5.01 -5.58 -13.35
CA LEU A 67 5.74 -4.32 -13.36
C LEU A 67 6.38 -4.15 -14.74
N LEU A 68 6.85 -5.25 -15.29
CA LEU A 68 7.46 -5.24 -16.61
C LEU A 68 6.37 -4.91 -17.62
N LYS A 69 5.31 -5.72 -17.58
CA LYS A 69 4.17 -5.57 -18.47
C LYS A 69 3.61 -4.16 -18.48
N ASN A 70 3.93 -3.37 -17.45
CA ASN A 70 3.40 -2.02 -17.38
C ASN A 70 4.41 -0.87 -17.40
N GLY A 71 5.47 -0.98 -18.20
CA GLY A 71 6.44 0.08 -18.33
C GLY A 71 7.65 0.21 -17.41
N ALA A 72 7.86 -0.75 -16.52
CA ALA A 72 8.99 -0.67 -15.61
C ALA A 72 10.35 -0.66 -16.34
N ASN A 73 11.21 0.32 -16.05
CA ASN A 73 12.53 0.38 -16.68
C ASN A 73 13.33 -0.85 -16.26
N LYS A 74 13.40 -1.84 -17.15
CA LYS A 74 14.11 -3.09 -16.85
C LYS A 74 15.62 -2.94 -16.61
N ASP A 75 16.26 -1.95 -17.24
CA ASP A 75 17.70 -1.79 -17.04
C ASP A 75 18.04 -0.68 -16.07
N MET A 76 17.12 -0.39 -15.17
CA MET A 76 17.32 0.68 -14.18
C MET A 76 18.44 0.41 -13.19
N GLN A 77 19.32 1.40 -13.00
CA GLN A 77 20.43 1.24 -12.07
C GLN A 77 20.16 2.02 -10.83
N ASN A 78 20.53 1.46 -9.68
CA ASN A 78 20.34 2.16 -8.42
C ASN A 78 21.62 2.94 -8.15
N ASN A 79 21.76 3.51 -6.96
CA ASN A 79 22.96 4.27 -6.61
C ASN A 79 24.20 3.46 -6.88
N LYS A 80 24.12 2.17 -6.56
CA LYS A 80 25.23 1.27 -6.80
C LYS A 80 25.21 0.77 -8.23
N GLU A 81 24.45 1.40 -9.10
CA GLU A 81 24.36 0.95 -10.48
C GLU A 81 23.93 -0.46 -10.60
N GLU A 82 23.16 -0.99 -9.65
CA GLU A 82 22.80 -2.38 -9.71
C GLU A 82 21.42 -2.37 -10.29
N THR A 83 21.20 -3.15 -11.33
CA THR A 83 19.88 -3.25 -11.97
C THR A 83 19.11 -4.37 -11.28
N PRO A 84 17.81 -4.46 -11.60
CA PRO A 84 17.02 -5.53 -11.00
C PRO A 84 17.63 -6.92 -11.25
N LEU A 85 18.09 -7.15 -12.49
CA LEU A 85 18.68 -8.43 -12.86
C LEU A 85 19.79 -8.72 -11.87
N PHE A 86 20.71 -7.78 -11.78
CA PHE A 86 21.84 -7.87 -10.89
C PHE A 86 21.46 -8.40 -9.49
N LEU A 87 20.62 -7.65 -8.77
CA LEU A 87 20.19 -8.06 -7.45
C LEU A 87 19.60 -9.46 -7.49
N ALA A 88 18.93 -9.80 -8.59
CA ALA A 88 18.33 -11.12 -8.69
C ALA A 88 19.43 -12.13 -8.40
N ALA A 89 20.50 -12.04 -9.19
CA ALA A 89 21.65 -12.92 -9.04
C ALA A 89 22.07 -12.85 -7.60
N ARG A 90 22.82 -11.80 -7.26
CA ARG A 90 23.30 -11.54 -5.90
C ARG A 90 22.52 -12.25 -4.80
N GLU A 91 21.19 -12.19 -4.90
CA GLU A 91 20.29 -12.81 -3.93
C GLU A 91 19.82 -14.19 -4.37
N GLY A 92 19.88 -14.46 -5.67
CA GLY A 92 19.47 -15.75 -6.21
C GLY A 92 17.99 -15.92 -6.59
N SER A 93 17.43 -14.96 -7.32
CA SER A 93 16.03 -15.04 -7.74
C SER A 93 15.91 -15.76 -9.08
N TYR A 94 16.37 -17.00 -9.13
CA TYR A 94 16.32 -17.82 -10.34
C TYR A 94 15.12 -17.46 -11.21
N GLU A 95 13.97 -17.99 -10.84
CA GLU A 95 12.71 -17.76 -11.50
C GLU A 95 12.58 -16.34 -12.06
N THR A 96 12.92 -15.35 -11.23
CA THR A 96 12.83 -13.94 -11.60
C THR A 96 13.91 -13.44 -12.57
N ALA A 97 15.09 -14.03 -12.49
CA ALA A 97 16.15 -13.65 -13.41
C ALA A 97 15.72 -14.15 -14.78
N LYS A 98 15.04 -15.30 -14.80
CA LYS A 98 14.55 -15.86 -16.07
C LYS A 98 13.70 -14.74 -16.62
N VAL A 99 12.60 -14.50 -15.92
CA VAL A 99 11.67 -13.44 -16.28
C VAL A 99 12.41 -12.24 -16.87
N LEU A 100 13.41 -11.73 -16.14
CA LEU A 100 14.20 -10.58 -16.57
C LEU A 100 14.88 -10.77 -17.91
N LEU A 101 15.63 -11.86 -18.05
CA LEU A 101 16.29 -12.09 -19.32
C LEU A 101 15.26 -12.36 -20.41
N ASP A 102 14.24 -13.16 -20.12
CA ASP A 102 13.16 -13.44 -21.08
C ASP A 102 12.60 -12.16 -21.69
N HIS A 103 12.80 -11.04 -21.00
CA HIS A 103 12.33 -9.74 -21.45
C HIS A 103 13.46 -8.93 -22.04
N PHE A 104 14.62 -9.57 -22.14
CA PHE A 104 15.79 -8.93 -22.72
C PHE A 104 16.40 -7.88 -21.83
N ALA A 105 16.81 -8.31 -20.64
CA ALA A 105 17.45 -7.40 -19.71
C ALA A 105 18.93 -7.49 -20.04
N ASN A 106 19.62 -6.35 -20.01
CA ASN A 106 21.04 -6.35 -20.34
C ASN A 106 21.91 -7.01 -19.29
N ARG A 107 22.24 -8.29 -19.50
CA ARG A 107 23.06 -9.04 -18.54
C ARG A 107 24.50 -8.55 -18.47
N ASP A 108 24.82 -7.55 -19.29
CA ASP A 108 26.17 -6.99 -19.36
C ASP A 108 26.43 -5.78 -18.47
N ILE A 109 25.40 -5.23 -17.84
CA ILE A 109 25.57 -4.04 -16.99
C ILE A 109 26.12 -4.43 -15.64
N THR A 110 27.17 -3.72 -15.20
CA THR A 110 27.85 -3.99 -13.94
C THR A 110 27.66 -2.91 -12.88
N ASP A 111 27.70 -3.34 -11.61
CA ASP A 111 27.54 -2.43 -10.49
C ASP A 111 28.72 -1.47 -10.38
N HIS A 112 28.81 -0.77 -9.27
CA HIS A 112 29.87 0.22 -9.03
C HIS A 112 31.28 -0.36 -8.89
N MET A 113 31.38 -1.68 -8.90
CA MET A 113 32.66 -2.35 -8.78
C MET A 113 32.93 -3.09 -10.06
N ASP A 114 32.25 -2.69 -11.12
CA ASP A 114 32.41 -3.35 -12.41
C ASP A 114 32.18 -4.86 -12.26
N ARG A 115 31.20 -5.26 -11.44
CA ARG A 115 30.91 -6.68 -11.27
C ARG A 115 29.69 -6.98 -12.09
N LEU A 116 29.73 -8.06 -12.85
CA LEU A 116 28.57 -8.41 -13.66
C LEU A 116 27.64 -9.25 -12.87
N PRO A 117 26.36 -9.23 -13.25
CA PRO A 117 25.39 -10.06 -12.53
C PRO A 117 25.94 -11.49 -12.46
N ARG A 118 26.81 -11.88 -13.40
CA ARG A 118 27.36 -13.23 -13.35
C ARG A 118 28.42 -13.32 -12.24
N ASP A 119 29.20 -12.26 -12.08
CA ASP A 119 30.24 -12.25 -11.06
C ASP A 119 29.64 -12.38 -9.65
N ILE A 120 28.51 -11.73 -9.41
CA ILE A 120 27.88 -11.82 -8.09
C ILE A 120 27.17 -13.14 -7.82
N ALA A 121 26.73 -13.83 -8.88
CA ALA A 121 26.07 -15.13 -8.75
C ALA A 121 27.16 -16.15 -8.54
N GLN A 122 28.21 -15.99 -9.32
CA GLN A 122 29.39 -16.85 -9.26
C GLN A 122 30.00 -16.73 -7.87
N GLU A 123 30.20 -15.48 -7.46
CA GLU A 123 30.76 -15.14 -6.17
C GLU A 123 29.88 -15.68 -5.06
N ARG A 124 28.62 -15.27 -5.08
CA ARG A 124 27.66 -15.69 -4.08
C ARG A 124 27.14 -17.08 -4.30
N MET A 125 27.86 -17.82 -5.14
CA MET A 125 27.55 -19.21 -5.42
C MET A 125 26.11 -19.51 -5.76
N HIS A 126 25.59 -18.75 -6.70
CA HIS A 126 24.25 -18.94 -7.18
C HIS A 126 24.52 -19.46 -8.58
N HIS A 127 25.00 -20.71 -8.59
CA HIS A 127 25.38 -21.44 -9.80
C HIS A 127 24.40 -21.42 -10.96
N ASP A 128 23.15 -21.79 -10.67
CA ASP A 128 22.09 -21.84 -11.67
C ASP A 128 21.87 -20.50 -12.35
N ILE A 129 22.17 -19.41 -11.64
CA ILE A 129 22.00 -18.09 -12.22
C ILE A 129 23.21 -17.84 -13.10
N VAL A 130 24.35 -18.35 -12.66
CA VAL A 130 25.58 -18.19 -13.41
C VAL A 130 25.34 -18.70 -14.83
N ARG A 131 24.94 -19.97 -14.94
CA ARG A 131 24.67 -20.60 -16.23
C ARG A 131 23.50 -19.95 -16.98
N LEU A 132 22.47 -19.51 -16.24
CA LEU A 132 21.28 -18.85 -16.81
C LEU A 132 21.77 -17.63 -17.57
N LEU A 133 22.66 -16.91 -16.93
CA LEU A 133 23.24 -15.71 -17.50
C LEU A 133 24.02 -16.03 -18.77
N ASP A 134 24.54 -17.25 -18.83
CA ASP A 134 25.34 -17.69 -19.99
C ASP A 134 24.52 -18.10 -21.23
N ARG B 4 9.82 -10.33 10.14
CA ARG B 4 9.85 -8.83 10.05
C ARG B 4 9.36 -8.29 8.70
N ALA B 5 8.12 -8.68 8.34
CA ALA B 5 7.42 -8.24 7.13
C ALA B 5 6.29 -7.43 7.72
N THR B 6 6.20 -7.54 9.05
CA THR B 6 5.18 -6.87 9.85
C THR B 6 5.58 -5.43 10.07
N ASP B 7 6.89 -5.20 10.10
CA ASP B 7 7.44 -3.87 10.28
C ASP B 7 6.98 -3.03 9.07
N LEU B 8 6.11 -3.66 8.26
CA LEU B 8 5.49 -3.06 7.09
C LEU B 8 4.23 -2.31 7.54
N ASP B 9 4.09 -2.11 8.86
CA ASP B 9 3.02 -1.31 9.44
C ASP B 9 3.78 0.03 9.34
N ALA B 10 4.44 0.15 8.19
CA ALA B 10 5.25 1.28 7.82
C ALA B 10 4.36 2.48 7.83
N ARG B 11 4.94 3.64 8.05
CA ARG B 11 4.10 4.81 8.08
C ARG B 11 4.60 5.99 7.31
N MET B 12 3.64 6.78 6.85
CA MET B 12 3.94 7.98 6.11
C MET B 12 4.34 9.02 7.12
N HIS B 13 4.98 10.08 6.62
CA HIS B 13 5.42 11.17 7.47
C HIS B 13 4.23 11.63 8.33
N ASP B 14 3.03 11.30 7.87
CA ASP B 14 1.80 11.70 8.56
C ASP B 14 1.10 10.59 9.30
N GLY B 15 1.75 9.44 9.46
CA GLY B 15 1.10 8.35 10.16
C GLY B 15 0.37 7.40 9.25
N THR B 16 -0.12 7.90 8.10
CA THR B 16 -0.83 7.02 7.17
C THR B 16 -0.11 5.69 7.08
N THR B 17 -0.88 4.61 7.06
CA THR B 17 -0.29 3.31 6.87
C THR B 17 -0.89 2.80 5.57
N PRO B 18 -0.38 1.65 5.07
CA PRO B 18 -0.90 1.07 3.82
C PRO B 18 -2.44 0.95 3.80
N LEU B 19 -2.97 0.27 4.81
CA LEU B 19 -4.38 0.02 4.98
C LEU B 19 -5.22 1.30 4.93
N ILE B 20 -4.72 2.38 5.51
CA ILE B 20 -5.45 3.64 5.47
C ILE B 20 -5.53 4.08 4.03
N LEU B 21 -4.40 4.02 3.33
CA LEU B 21 -4.40 4.40 1.93
C LEU B 21 -5.44 3.58 1.22
N ALA B 22 -5.31 2.27 1.37
CA ALA B 22 -6.21 1.32 0.74
C ALA B 22 -7.66 1.76 0.88
N ALA B 23 -8.04 2.09 2.11
CA ALA B 23 -9.39 2.52 2.42
C ALA B 23 -9.66 3.80 1.69
N ARG B 24 -8.94 4.83 2.10
CA ARG B 24 -9.07 6.15 1.52
C ARG B 24 -9.29 6.17 -0.01
N LEU B 25 -8.34 5.60 -0.75
CA LEU B 25 -8.43 5.57 -2.21
C LEU B 25 -9.42 4.57 -2.74
N ALA B 26 -9.93 3.72 -1.85
CA ALA B 26 -10.91 2.68 -2.16
C ALA B 26 -10.41 1.49 -2.96
N LEU B 27 -9.29 0.90 -2.55
CA LEU B 27 -8.74 -0.28 -3.22
C LEU B 27 -9.24 -1.53 -2.48
N GLU B 28 -9.95 -2.39 -3.18
CA GLU B 28 -10.52 -3.58 -2.55
C GLU B 28 -9.56 -4.74 -2.37
N GLY B 29 -8.62 -4.90 -3.31
CA GLY B 29 -7.67 -6.00 -3.21
C GLY B 29 -6.77 -5.90 -2.01
N MET B 30 -6.24 -4.70 -1.81
CA MET B 30 -5.34 -4.47 -0.71
C MET B 30 -6.02 -4.73 0.63
N LEU B 31 -6.95 -3.87 0.98
CA LEU B 31 -7.66 -3.98 2.24
C LEU B 31 -7.76 -5.41 2.71
N GLU B 32 -8.13 -6.31 1.82
CA GLU B 32 -8.19 -7.69 2.26
C GLU B 32 -6.75 -8.10 2.51
N ASP B 33 -5.93 -8.04 1.47
CA ASP B 33 -4.52 -8.41 1.59
C ASP B 33 -3.97 -8.11 2.96
N LEU B 34 -3.81 -6.82 3.20
CA LEU B 34 -3.25 -6.31 4.44
C LEU B 34 -3.90 -6.85 5.71
N ILE B 35 -5.22 -7.07 5.68
CA ILE B 35 -5.92 -7.59 6.86
C ILE B 35 -5.64 -9.08 7.05
N ASN B 36 -5.56 -9.83 5.95
CA ASN B 36 -5.28 -11.25 6.00
C ASN B 36 -3.81 -11.41 6.39
N SER B 37 -3.01 -10.44 5.97
CA SER B 37 -1.60 -10.44 6.30
C SER B 37 -1.45 -10.10 7.78
N HIS B 38 -2.56 -9.94 8.49
CA HIS B 38 -2.54 -9.62 9.91
C HIS B 38 -2.11 -8.18 10.17
N ALA B 39 -2.28 -7.32 9.18
CA ALA B 39 -1.90 -5.93 9.37
C ALA B 39 -2.71 -5.36 10.53
N ASP B 40 -2.11 -4.47 11.30
CA ASP B 40 -2.81 -3.87 12.41
C ASP B 40 -4.09 -3.18 11.92
N VAL B 41 -5.24 -3.73 12.28
CA VAL B 41 -6.49 -3.16 11.82
C VAL B 41 -6.98 -1.91 12.57
N ASN B 42 -6.25 -1.46 13.57
CA ASN B 42 -6.67 -0.26 14.31
C ASN B 42 -5.52 0.73 14.37
N ALA B 43 -4.48 0.47 13.59
CA ALA B 43 -3.34 1.38 13.57
C ALA B 43 -3.96 2.74 13.30
N VAL B 44 -3.23 3.83 13.51
CA VAL B 44 -3.81 5.15 13.30
C VAL B 44 -2.90 6.22 12.70
N ASP B 45 -3.42 7.14 11.89
CA ASP B 45 -2.50 8.14 11.39
C ASP B 45 -2.30 9.25 12.43
N ASP B 46 -1.47 10.21 12.09
CA ASP B 46 -1.15 11.30 13.02
C ASP B 46 -2.34 12.06 13.60
N LEU B 47 -3.44 12.13 12.86
CA LEU B 47 -4.59 12.84 13.35
C LEU B 47 -5.49 11.97 14.21
N GLY B 48 -5.15 10.69 14.34
CA GLY B 48 -5.94 9.79 15.16
C GLY B 48 -6.97 9.02 14.39
N LYS B 49 -6.89 9.03 13.07
CA LYS B 49 -7.86 8.35 12.24
C LYS B 49 -7.40 7.00 11.76
N SER B 50 -8.23 5.98 11.95
CA SER B 50 -7.88 4.63 11.52
C SER B 50 -8.35 4.47 10.09
N ALA B 51 -8.38 3.23 9.62
CA ALA B 51 -8.82 2.93 8.24
C ALA B 51 -10.34 2.97 8.11
N LEU B 52 -11.06 2.55 9.14
CA LEU B 52 -12.52 2.57 9.11
C LEU B 52 -12.98 4.02 9.07
N HIS B 53 -12.29 4.88 9.82
CA HIS B 53 -12.60 6.30 9.82
C HIS B 53 -12.58 6.74 8.36
N TRP B 54 -11.42 6.55 7.72
CA TRP B 54 -11.19 6.95 6.32
C TRP B 54 -12.10 6.32 5.32
N ALA B 55 -12.65 5.15 5.64
CA ALA B 55 -13.59 4.48 4.71
C ALA B 55 -14.95 5.14 4.89
N ALA B 56 -15.16 5.64 6.11
CA ALA B 56 -16.38 6.34 6.48
C ALA B 56 -16.36 7.67 5.71
N ALA B 57 -15.35 8.48 5.98
CA ALA B 57 -15.25 9.75 5.33
C ALA B 57 -15.42 9.65 3.83
N VAL B 58 -14.94 8.58 3.23
CA VAL B 58 -15.03 8.48 1.77
C VAL B 58 -16.17 7.61 1.31
N ASN B 59 -16.90 7.04 2.25
CA ASN B 59 -18.02 6.21 1.85
C ASN B 59 -17.55 4.96 1.10
N ASN B 60 -16.48 4.33 1.58
CA ASN B 60 -15.97 3.11 0.97
C ASN B 60 -16.62 1.96 1.73
N VAL B 61 -17.94 1.88 1.63
CA VAL B 61 -18.75 0.85 2.29
C VAL B 61 -18.02 -0.48 2.39
N ASP B 62 -17.67 -1.04 1.22
CA ASP B 62 -16.99 -2.33 1.13
C ASP B 62 -15.87 -2.40 2.14
N ALA B 63 -14.91 -1.50 2.00
CA ALA B 63 -13.80 -1.43 2.93
C ALA B 63 -14.40 -1.44 4.35
N ALA B 64 -15.28 -0.49 4.63
CA ALA B 64 -15.91 -0.38 5.93
C ALA B 64 -16.42 -1.73 6.44
N VAL B 65 -17.00 -2.50 5.53
CA VAL B 65 -17.56 -3.80 5.87
C VAL B 65 -16.50 -4.76 6.35
N VAL B 66 -15.48 -4.92 5.53
CA VAL B 66 -14.38 -5.79 5.88
C VAL B 66 -13.74 -5.31 7.17
N LEU B 67 -13.33 -4.04 7.17
CA LEU B 67 -12.70 -3.44 8.34
C LEU B 67 -13.46 -3.79 9.60
N LEU B 68 -14.79 -3.71 9.52
CA LEU B 68 -15.64 -4.04 10.67
C LEU B 68 -15.64 -5.56 10.88
N LYS B 69 -15.86 -6.30 9.80
CA LYS B 69 -15.87 -7.75 9.85
C LYS B 69 -14.62 -8.29 10.51
N ASN B 70 -13.52 -7.53 10.40
CA ASN B 70 -12.23 -7.95 10.95
C ASN B 70 -11.67 -7.19 12.15
N GLY B 71 -12.50 -7.00 13.17
CA GLY B 71 -12.02 -6.36 14.38
C GLY B 71 -11.77 -4.87 14.44
N ALA B 72 -12.17 -4.11 13.42
CA ALA B 72 -11.96 -2.67 13.47
C ALA B 72 -12.78 -2.12 14.64
N ASN B 73 -12.21 -1.14 15.35
CA ASN B 73 -12.90 -0.53 16.48
C ASN B 73 -13.88 0.52 15.97
N LYS B 74 -15.15 0.13 15.83
CA LYS B 74 -16.20 1.00 15.31
C LYS B 74 -16.39 2.39 15.99
N ASP B 75 -16.29 2.44 17.31
CA ASP B 75 -16.46 3.73 17.97
C ASP B 75 -15.11 4.35 18.27
N MET B 76 -14.08 3.95 17.52
CA MET B 76 -12.77 4.52 17.78
C MET B 76 -12.93 5.99 17.57
N GLN B 77 -12.14 6.77 18.28
CA GLN B 77 -12.24 8.21 18.14
C GLN B 77 -10.86 8.74 17.78
N ASN B 78 -10.84 9.75 16.93
CA ASN B 78 -9.58 10.34 16.56
C ASN B 78 -9.21 11.40 17.59
N ASN B 79 -8.25 12.23 17.27
CA ASN B 79 -7.80 13.25 18.20
C ASN B 79 -8.87 14.33 18.44
N LYS B 80 -9.84 14.42 17.55
CA LYS B 80 -10.92 15.41 17.69
C LYS B 80 -12.18 14.71 18.20
N GLU B 81 -12.00 13.49 18.67
CA GLU B 81 -13.09 12.67 19.19
C GLU B 81 -14.04 12.16 18.11
N GLU B 82 -13.81 12.57 16.87
CA GLU B 82 -14.68 12.12 15.79
C GLU B 82 -14.58 10.62 15.59
N THR B 83 -15.72 9.98 15.41
CA THR B 83 -15.82 8.53 15.19
C THR B 83 -16.02 8.32 13.70
N PRO B 84 -16.03 7.05 13.23
CA PRO B 84 -16.23 6.86 11.80
C PRO B 84 -17.55 7.48 11.38
N LEU B 85 -18.61 7.03 12.03
CA LEU B 85 -19.95 7.51 11.77
C LEU B 85 -20.05 9.02 11.79
N PHE B 86 -19.45 9.69 12.76
CA PHE B 86 -19.52 11.16 12.77
C PHE B 86 -18.94 11.66 11.46
N LEU B 87 -17.72 11.24 11.16
CA LEU B 87 -17.07 11.61 9.90
C LEU B 87 -17.96 11.30 8.71
N ALA B 88 -18.64 10.15 8.78
CA ALA B 88 -19.56 9.71 7.74
C ALA B 88 -20.69 10.75 7.64
N ALA B 89 -21.07 11.26 8.82
CA ALA B 89 -22.08 12.29 8.88
C ALA B 89 -21.42 13.40 8.09
N ARG B 90 -20.54 14.12 8.76
CA ARG B 90 -19.78 15.20 8.16
C ARG B 90 -19.58 15.13 6.64
N GLU B 91 -18.94 14.07 6.13
CA GLU B 91 -18.70 13.99 4.70
C GLU B 91 -19.84 13.47 3.82
N GLY B 92 -20.97 13.14 4.45
CA GLY B 92 -22.12 12.67 3.71
C GLY B 92 -21.99 11.26 3.13
N SER B 93 -21.52 10.32 3.94
CA SER B 93 -21.34 8.93 3.51
C SER B 93 -22.51 7.99 3.90
N TYR B 94 -23.69 8.25 3.33
CA TYR B 94 -24.92 7.48 3.60
C TYR B 94 -24.75 5.99 3.74
N GLU B 95 -24.46 5.35 2.61
CA GLU B 95 -24.27 3.92 2.60
C GLU B 95 -23.48 3.52 3.83
N THR B 96 -22.25 4.02 3.93
CA THR B 96 -21.37 3.71 5.07
C THR B 96 -22.07 3.98 6.40
N ALA B 97 -22.49 5.22 6.60
CA ALA B 97 -23.16 5.57 7.83
C ALA B 97 -24.06 4.41 8.15
N LYS B 98 -24.85 3.98 7.17
CA LYS B 98 -25.77 2.85 7.37
C LYS B 98 -24.92 1.68 7.79
N VAL B 99 -24.01 1.30 6.90
CA VAL B 99 -23.08 0.22 7.13
C VAL B 99 -22.65 0.25 8.59
N LEU B 100 -22.25 1.43 9.03
CA LEU B 100 -21.81 1.64 10.40
C LEU B 100 -22.90 1.40 11.43
N LEU B 101 -23.99 2.16 11.36
CA LEU B 101 -25.09 2.01 12.31
C LEU B 101 -25.57 0.54 12.40
N ASP B 102 -25.62 -0.14 11.26
CA ASP B 102 -26.06 -1.55 11.20
C ASP B 102 -25.23 -2.44 12.14
N HIS B 103 -23.98 -2.04 12.37
CA HIS B 103 -23.07 -2.77 13.23
C HIS B 103 -23.15 -2.14 14.59
N PHE B 104 -24.24 -1.41 14.78
CA PHE B 104 -24.52 -0.75 16.03
C PHE B 104 -23.46 0.23 16.47
N ALA B 105 -22.95 1.03 15.55
CA ALA B 105 -21.97 2.03 15.93
C ALA B 105 -22.72 2.99 16.83
N ASN B 106 -22.05 3.55 17.82
CA ASN B 106 -22.67 4.48 18.77
C ASN B 106 -22.86 5.89 18.17
N ARG B 107 -24.12 6.25 17.93
CA ARG B 107 -24.48 7.57 17.36
C ARG B 107 -24.64 8.63 18.46
N ASP B 108 -24.29 8.26 19.69
CA ASP B 108 -24.40 9.15 20.82
C ASP B 108 -23.04 9.74 21.22
N ILE B 109 -22.00 9.42 20.45
CA ILE B 109 -20.64 9.93 20.73
C ILE B 109 -20.35 11.19 19.90
N THR B 110 -19.92 12.26 20.56
CA THR B 110 -19.65 13.53 19.88
C THR B 110 -18.17 13.90 19.80
N ASP B 111 -17.84 14.90 18.97
CA ASP B 111 -16.47 15.38 18.82
C ASP B 111 -16.04 16.30 19.95
N HIS B 112 -14.98 17.05 19.73
CA HIS B 112 -14.45 17.98 20.73
C HIS B 112 -15.33 19.21 20.96
N MET B 113 -16.40 19.31 20.18
CA MET B 113 -17.31 20.44 20.27
C MET B 113 -18.66 19.95 20.70
N ASP B 114 -18.69 18.80 21.38
CA ASP B 114 -19.94 18.24 21.85
C ASP B 114 -20.89 18.04 20.71
N ARG B 115 -20.39 17.92 19.50
CA ARG B 115 -21.30 17.76 18.38
C ARG B 115 -21.63 16.33 18.03
N LEU B 116 -22.92 16.07 17.87
CA LEU B 116 -23.36 14.75 17.55
C LEU B 116 -23.11 14.54 16.08
N PRO B 117 -23.23 13.28 15.62
CA PRO B 117 -23.02 12.96 14.21
C PRO B 117 -24.21 13.51 13.41
N ARG B 118 -25.33 13.73 14.10
CA ARG B 118 -26.53 14.27 13.45
C ARG B 118 -26.36 15.76 13.37
N ASP B 119 -25.58 16.30 14.30
CA ASP B 119 -25.36 17.72 14.34
C ASP B 119 -24.61 18.21 13.12
N ILE B 120 -23.63 17.44 12.64
CA ILE B 120 -22.87 17.85 11.45
C ILE B 120 -23.65 17.47 10.26
N ALA B 121 -24.17 16.26 10.27
CA ALA B 121 -24.96 15.74 9.17
C ALA B 121 -26.06 16.75 8.93
N GLN B 122 -26.48 17.38 10.01
CA GLN B 122 -27.52 18.39 9.93
C GLN B 122 -26.85 19.71 9.50
N GLU B 123 -25.89 20.15 10.31
CA GLU B 123 -25.18 21.40 10.03
C GLU B 123 -24.67 21.44 8.61
N ARG B 124 -24.40 20.27 8.04
CA ARG B 124 -23.90 20.20 6.69
C ARG B 124 -24.99 19.92 5.71
N MET B 125 -26.20 19.85 6.23
CA MET B 125 -27.39 19.61 5.43
C MET B 125 -27.45 18.30 4.64
N HIS B 126 -27.01 17.21 5.28
CA HIS B 126 -27.07 15.87 4.70
C HIS B 126 -28.30 15.28 5.38
N HIS B 127 -29.45 15.86 5.06
CA HIS B 127 -30.73 15.47 5.63
C HIS B 127 -30.97 13.97 5.66
N ASP B 128 -30.69 13.32 4.53
CA ASP B 128 -30.88 11.89 4.42
C ASP B 128 -30.18 11.16 5.58
N ILE B 129 -28.97 11.61 5.93
CA ILE B 129 -28.24 11.00 7.04
C ILE B 129 -28.99 11.30 8.31
N VAL B 130 -29.32 12.58 8.48
CA VAL B 130 -30.06 13.04 9.65
C VAL B 130 -31.21 12.07 9.97
N ARG B 131 -32.02 11.82 8.96
CA ARG B 131 -33.18 10.94 9.11
C ARG B 131 -32.76 9.51 9.44
N LEU B 132 -31.55 9.13 9.03
CA LEU B 132 -31.06 7.78 9.32
C LEU B 132 -30.69 7.75 10.78
N LEU B 133 -30.03 8.80 11.20
CA LEU B 133 -29.63 8.90 12.58
C LEU B 133 -30.87 8.91 13.47
N ASP B 134 -31.99 9.35 12.90
CA ASP B 134 -33.26 9.38 13.62
C ASP B 134 -33.87 7.99 13.71
#